data_9FZO
#
_entry.id   9FZO
#
_cell.length_a   68.326
_cell.length_b   83.183
_cell.length_c   89.886
_cell.angle_alpha   90.00
_cell.angle_beta   90.00
_cell.angle_gamma   90.00
#
_symmetry.space_group_name_H-M   'P 21 21 21'
#
loop_
_entity.id
_entity.type
_entity.pdbx_description
1 polymer 'Peptidoglycan D,D-transpeptidase FtsI'
2 non-polymer 'ACYLATED CEFTAZIDIME'
3 non-polymer 'SULFATE ION'
4 water water
#
_entity_poly.entity_id   1
_entity_poly.type   'polypeptide(L)'
_entity_poly.pdbx_seq_one_letter_code
;GGSVRHIAIPAHRGLITDRNGEPLAVSTPVTTLWANPKELMTAKERWPQLAAALGQDTKLFADRIEQNAEREFIYLVRGL
TPEQGEGVIALKVPGVYSIEEFRRFYPAGEVVAHAVGFTDVDDRGREGIELAFDEWLAGVPGKRQVLKDRRGRVIKDVQV
TKNAKPGKTLALSIDLRLQYLAHRELRNALLENGAKAGSLVIMDVKTGEILAMTNQPTYNPNNRRNLQPAAMRNRAMIDV
FEPGSTVKPFSMSAALASGRWKPSDIVDVYPGTLQIGRYTIRDVSRNSRQLDLTGILIKSSNVGISKIAFDIGAESIYSV
MQQVGLGQDTGLGFPGERVGNLPNHRKWPKAETATLAYGYGLSVTAIQLAHAYAALANDGKSVPLSMTRVDRVPDGVQVI
SPEVASTVQGMLQQVVEAQGGVFRAQVPGYHAAGKSGTARKVSVGTKGYRENAYRSLFAGFAPATDPRIAMVVVIDEPSK
AGYFGGLVSAPVFSKVMAGALRLMNVPPDNLPTEFEA
;
_entity_poly.pdbx_strand_id   A
#
loop_
_chem_comp.id
_chem_comp.type
_chem_comp.name
_chem_comp.formula
CAZ non-polymer 'ACYLATED CEFTAZIDIME' 'C17 H19 N5 O7 S2'
SO4 non-polymer 'SULFATE ION' 'O4 S -2'
#
# COMPACT_ATOMS: atom_id res chain seq x y z
N GLY A 1 28.13 4.02 -50.33
CA GLY A 1 28.65 3.07 -49.38
C GLY A 1 27.70 2.80 -48.23
N GLY A 2 28.25 2.53 -47.05
CA GLY A 2 27.44 2.29 -45.87
C GLY A 2 27.07 0.83 -45.68
N SER A 3 26.42 0.58 -44.54
CA SER A 3 26.02 -0.76 -44.13
C SER A 3 24.57 -0.77 -43.70
N VAL A 4 23.85 -1.82 -44.10
CA VAL A 4 22.43 -1.94 -43.77
C VAL A 4 22.30 -2.46 -42.35
N ARG A 5 21.50 -1.77 -41.53
CA ARG A 5 21.34 -2.13 -40.12
C ARG A 5 19.88 -1.99 -39.73
N HIS A 6 19.51 -2.71 -38.67
CA HIS A 6 18.18 -2.62 -38.07
C HIS A 6 18.31 -2.01 -36.68
N ILE A 7 17.52 -0.98 -36.41
CA ILE A 7 17.52 -0.34 -35.10
C ILE A 7 16.09 -0.36 -34.55
N ALA A 8 16.00 -0.15 -33.24
CA ALA A 8 14.75 -0.29 -32.53
C ALA A 8 13.93 0.99 -32.58
N ILE A 9 12.62 0.83 -32.44
CA ILE A 9 11.67 1.92 -32.30
C ILE A 9 11.03 1.79 -30.93
N PRO A 10 11.42 2.62 -29.96
CA PRO A 10 10.85 2.50 -28.62
C PRO A 10 9.33 2.63 -28.62
N ALA A 11 8.69 1.89 -27.71
CA ALA A 11 7.26 1.88 -27.55
C ALA A 11 6.82 2.80 -26.43
N HIS A 12 5.66 3.43 -26.60
CA HIS A 12 5.12 4.37 -25.63
C HIS A 12 4.51 3.61 -24.45
N ARG A 13 5.05 3.84 -23.26
CA ARG A 13 4.58 3.15 -22.07
C ARG A 13 3.16 3.57 -21.70
N GLY A 14 2.36 2.60 -21.27
CA GLY A 14 0.96 2.85 -21.00
C GLY A 14 0.74 3.75 -19.81
N LEU A 15 -0.35 4.51 -19.87
CA LEU A 15 -0.78 5.38 -18.79
C LEU A 15 -1.35 4.59 -17.61
N ILE A 16 -0.97 4.98 -16.40
CA ILE A 16 -1.58 4.45 -15.18
C ILE A 16 -2.48 5.53 -14.62
N THR A 17 -3.76 5.20 -14.40
CA THR A 17 -4.74 6.10 -13.81
C THR A 17 -5.24 5.54 -12.49
N ASP A 18 -5.92 6.38 -11.70
CA ASP A 18 -6.71 5.85 -10.60
C ASP A 18 -7.99 5.26 -11.18
N ARG A 19 -8.90 4.82 -10.29
CA ARG A 19 -10.10 4.12 -10.73
C ARG A 19 -11.04 5.00 -11.55
N ASN A 20 -10.87 6.33 -11.49
CA ASN A 20 -11.74 7.26 -12.18
C ASN A 20 -11.05 7.98 -13.34
N GLY A 21 -9.87 7.52 -13.73
CA GLY A 21 -9.14 8.09 -14.85
C GLY A 21 -8.16 9.18 -14.51
N GLU A 22 -7.97 9.50 -13.23
CA GLU A 22 -7.00 10.54 -12.88
C GLU A 22 -5.58 10.03 -13.14
N PRO A 23 -4.73 10.80 -13.80
CA PRO A 23 -3.39 10.30 -14.18
C PRO A 23 -2.50 10.13 -12.96
N LEU A 24 -1.86 8.96 -12.87
CA LEU A 24 -0.91 8.65 -11.80
C LEU A 24 0.51 8.40 -12.30
N ALA A 25 0.67 7.86 -13.49
CA ALA A 25 1.97 7.68 -14.11
C ALA A 25 1.80 7.91 -15.60
N VAL A 26 2.50 8.92 -16.13
CA VAL A 26 2.32 9.35 -17.51
C VAL A 26 3.69 9.48 -18.16
N SER A 27 3.82 8.94 -19.37
CA SER A 27 5.05 9.07 -20.14
C SER A 27 4.88 10.26 -21.07
N THR A 28 5.61 11.33 -20.80
CA THR A 28 5.47 12.59 -21.52
C THR A 28 6.77 12.95 -22.21
N PRO A 29 6.70 13.71 -23.31
CA PRO A 29 7.93 13.98 -24.08
C PRO A 29 8.88 14.91 -23.35
N VAL A 30 10.16 14.56 -23.37
CA VAL A 30 11.24 15.46 -23.00
C VAL A 30 12.24 15.49 -24.15
N THR A 31 13.00 16.58 -24.23
CA THR A 31 14.02 16.72 -25.26
C THR A 31 15.35 16.22 -24.73
N THR A 32 16.02 15.38 -25.52
CA THR A 32 17.28 14.76 -25.12
C THR A 32 18.32 14.97 -26.20
N LEU A 33 19.51 15.43 -25.78
CA LEU A 33 20.65 15.57 -26.67
C LEU A 33 21.58 14.39 -26.49
N TRP A 34 21.92 13.73 -27.59
CA TRP A 34 22.88 12.64 -27.56
C TRP A 34 23.95 12.90 -28.62
N ALA A 35 25.03 12.13 -28.54
CA ALA A 35 26.15 12.36 -29.43
C ALA A 35 26.75 11.05 -29.90
N ASN A 36 27.24 11.07 -31.15
CA ASN A 36 28.07 9.99 -31.68
C ASN A 36 29.52 10.42 -31.54
N PRO A 37 30.26 9.88 -30.55
CA PRO A 37 31.66 10.30 -30.38
C PRO A 37 32.50 10.14 -31.62
N LYS A 38 32.23 9.13 -32.44
CA LYS A 38 33.01 8.96 -33.67
C LYS A 38 32.85 10.16 -34.61
N GLU A 39 31.66 10.76 -34.65
CA GLU A 39 31.50 11.98 -35.42
C GLU A 39 32.11 13.17 -34.70
N LEU A 40 31.92 13.26 -33.38
CA LEU A 40 32.48 14.37 -32.61
C LEU A 40 33.99 14.46 -32.76
N MET A 41 34.67 13.32 -32.89
CA MET A 41 36.12 13.33 -33.02
C MET A 41 36.61 13.99 -34.30
N THR A 42 35.72 14.30 -35.24
CA THR A 42 36.11 14.97 -36.47
C THR A 42 35.94 16.49 -36.40
N ALA A 43 35.47 17.02 -35.29
CA ALA A 43 35.16 18.44 -35.17
C ALA A 43 35.53 18.95 -33.78
N LYS A 44 36.77 18.64 -33.35
CA LYS A 44 37.21 19.02 -32.00
C LYS A 44 37.16 20.52 -31.80
N GLU A 45 37.28 21.30 -32.88
N GLU A 45 37.28 21.28 -32.89
CA GLU A 45 37.22 22.75 -32.78
CA GLU A 45 37.22 22.74 -32.81
C GLU A 45 35.90 23.23 -32.19
C GLU A 45 35.90 23.24 -32.23
N ARG A 46 34.82 22.48 -32.42
CA ARG A 46 33.50 22.86 -31.92
C ARG A 46 33.27 22.43 -30.48
N TRP A 47 34.16 21.63 -29.90
CA TRP A 47 33.95 21.09 -28.55
C TRP A 47 33.79 22.17 -27.49
N PRO A 48 34.67 23.17 -27.38
CA PRO A 48 34.54 24.10 -26.25
C PRO A 48 33.20 24.83 -26.21
N GLN A 49 32.70 25.28 -27.36
CA GLN A 49 31.39 25.92 -27.36
C GLN A 49 30.28 24.93 -27.02
N LEU A 50 30.43 23.68 -27.47
CA LEU A 50 29.47 22.65 -27.09
C LEU A 50 29.50 22.40 -25.59
N ALA A 51 30.70 22.28 -25.02
CA ALA A 51 30.82 22.10 -23.58
C ALA A 51 30.13 23.24 -22.84
N ALA A 52 30.42 24.48 -23.24
CA ALA A 52 29.85 25.64 -22.56
C ALA A 52 28.33 25.62 -22.62
N ALA A 53 27.77 25.26 -23.77
CA ALA A 53 26.31 25.18 -23.89
C ALA A 53 25.74 24.09 -22.99
N LEU A 54 26.53 23.07 -22.67
CA LEU A 54 26.11 21.99 -21.80
C LEU A 54 26.50 22.21 -20.34
N GLY A 55 27.07 23.37 -20.02
CA GLY A 55 27.49 23.64 -18.65
C GLY A 55 28.59 22.74 -18.16
N GLN A 56 29.48 22.33 -19.06
CA GLN A 56 30.57 21.42 -18.74
C GLN A 56 31.90 22.13 -18.88
N ASP A 57 32.85 21.76 -18.02
CA ASP A 57 34.21 22.26 -18.17
C ASP A 57 34.78 21.76 -19.50
N THR A 58 35.51 22.65 -20.18
CA THR A 58 36.02 22.34 -21.52
C THR A 58 36.91 21.10 -21.51
N LYS A 59 37.77 20.96 -20.51
CA LYS A 59 38.70 19.84 -20.50
C LYS A 59 38.03 18.56 -20.02
N LEU A 60 37.16 18.66 -19.01
CA LEU A 60 36.37 17.50 -18.62
C LEU A 60 35.52 16.99 -19.77
N PHE A 61 34.94 17.92 -20.55
CA PHE A 61 34.16 17.50 -21.72
C PHE A 61 35.05 16.88 -22.78
N ALA A 62 36.19 17.52 -23.07
CA ALA A 62 37.12 16.96 -24.04
C ALA A 62 37.65 15.60 -23.59
N ASP A 63 37.84 15.42 -22.28
CA ASP A 63 38.28 14.12 -21.78
C ASP A 63 37.19 13.07 -21.96
N ARG A 64 35.93 13.43 -21.64
CA ARG A 64 34.84 12.47 -21.76
C ARG A 64 34.69 11.97 -23.20
N ILE A 65 34.81 12.86 -24.18
CA ILE A 65 34.66 12.45 -25.57
C ILE A 65 35.80 11.53 -25.97
N GLU A 66 37.02 11.85 -25.56
CA GLU A 66 38.16 10.99 -25.88
C GLU A 66 38.01 9.61 -25.26
N GLN A 67 37.53 9.54 -24.02
CA GLN A 67 37.36 8.27 -23.33
C GLN A 67 36.25 7.43 -23.94
N ASN A 68 35.35 8.05 -24.70
CA ASN A 68 34.28 7.33 -25.39
C ASN A 68 34.44 7.34 -26.90
N ALA A 69 35.66 7.60 -27.38
CA ALA A 69 35.88 7.80 -28.81
C ALA A 69 35.52 6.58 -29.65
N GLU A 70 35.44 5.39 -29.04
CA GLU A 70 35.10 4.19 -29.78
C GLU A 70 33.63 3.84 -29.72
N ARG A 71 32.84 4.56 -28.92
CA ARG A 71 31.40 4.36 -28.90
C ARG A 71 30.75 5.18 -30.01
N GLU A 72 29.49 4.84 -30.30
CA GLU A 72 28.72 5.56 -31.30
C GLU A 72 27.50 6.23 -30.71
N PHE A 73 27.31 6.14 -29.39
CA PHE A 73 26.19 6.77 -28.71
C PHE A 73 26.60 7.06 -27.27
N ILE A 74 26.50 8.33 -26.87
CA ILE A 74 26.53 8.71 -25.46
C ILE A 74 25.45 9.76 -25.24
N TYR A 75 24.89 9.76 -24.05
CA TYR A 75 23.98 10.84 -23.66
C TYR A 75 24.77 12.11 -23.37
N LEU A 76 24.23 13.24 -23.82
CA LEU A 76 24.73 14.54 -23.40
C LEU A 76 23.89 15.10 -22.26
N VAL A 77 22.59 15.22 -22.46
CA VAL A 77 21.67 15.65 -21.40
C VAL A 77 20.26 15.23 -21.79
N ARG A 78 19.52 14.73 -20.81
CA ARG A 78 18.13 14.33 -20.99
C ARG A 78 17.22 15.26 -20.21
N GLY A 79 16.06 15.56 -20.77
CA GLY A 79 15.04 16.31 -20.08
C GLY A 79 15.01 17.80 -20.32
N LEU A 80 15.37 18.26 -21.51
CA LEU A 80 15.28 19.67 -21.84
C LEU A 80 13.92 20.01 -22.44
N THR A 81 13.64 21.30 -22.53
CA THR A 81 12.54 21.76 -23.35
C THR A 81 12.95 21.74 -24.81
N PRO A 82 12.00 21.66 -25.74
CA PRO A 82 12.36 21.74 -27.17
C PRO A 82 13.16 22.98 -27.51
N GLU A 83 12.87 24.11 -26.85
CA GLU A 83 13.64 25.33 -27.10
C GLU A 83 15.09 25.17 -26.63
N GLN A 84 15.30 24.52 -25.48
CA GLN A 84 16.65 24.30 -24.98
C GLN A 84 17.44 23.39 -25.91
N GLY A 85 16.82 22.32 -26.41
CA GLY A 85 17.50 21.44 -27.34
C GLY A 85 17.90 22.13 -28.63
N GLU A 86 17.10 23.09 -29.09
CA GLU A 86 17.40 23.79 -30.34
C GLU A 86 18.60 24.72 -30.20
N GLY A 87 18.78 25.33 -29.02
CA GLY A 87 19.92 26.22 -28.82
C GLY A 87 21.25 25.52 -28.96
N VAL A 88 21.33 24.26 -28.53
CA VAL A 88 22.55 23.49 -28.72
C VAL A 88 22.67 23.02 -30.17
N ILE A 89 21.57 22.54 -30.75
CA ILE A 89 21.58 22.14 -32.16
C ILE A 89 21.97 23.32 -33.05
N ALA A 90 21.66 24.55 -32.63
CA ALA A 90 22.02 25.73 -33.40
C ALA A 90 23.53 25.91 -33.53
N LEU A 91 24.33 25.25 -32.67
CA LEU A 91 25.77 25.26 -32.86
C LEU A 91 26.19 24.43 -34.08
N LYS A 92 25.28 23.60 -34.60
CA LYS A 92 25.51 22.77 -35.78
C LYS A 92 26.78 21.93 -35.67
N VAL A 93 26.99 21.35 -34.49
CA VAL A 93 28.16 20.50 -34.27
C VAL A 93 27.90 19.14 -34.92
N PRO A 94 28.80 18.65 -35.78
CA PRO A 94 28.61 17.30 -36.35
C PRO A 94 28.64 16.26 -35.24
N GLY A 95 27.67 15.34 -35.30
CA GLY A 95 27.57 14.27 -34.34
C GLY A 95 26.72 14.56 -33.11
N VAL A 96 26.12 15.74 -33.02
CA VAL A 96 25.21 16.09 -31.94
C VAL A 96 23.78 16.03 -32.47
N TYR A 97 22.91 15.31 -31.76
CA TYR A 97 21.55 15.04 -32.19
C TYR A 97 20.56 15.34 -31.07
N SER A 98 19.37 15.79 -31.47
CA SER A 98 18.27 16.03 -30.54
C SER A 98 17.14 15.05 -30.84
N ILE A 99 16.60 14.43 -29.79
CA ILE A 99 15.47 13.53 -29.92
C ILE A 99 14.42 13.87 -28.86
N GLU A 100 13.18 13.51 -29.16
CA GLU A 100 12.10 13.57 -28.19
C GLU A 100 11.84 12.15 -27.70
N GLU A 101 12.00 11.95 -26.39
CA GLU A 101 11.72 10.66 -25.78
C GLU A 101 10.67 10.86 -24.71
N PHE A 102 9.90 9.80 -24.46
CA PHE A 102 8.84 9.82 -23.46
C PHE A 102 9.39 9.25 -22.16
N ARG A 103 9.29 10.02 -21.08
CA ARG A 103 9.79 9.60 -19.78
C ARG A 103 8.70 9.78 -18.73
N ARG A 104 8.78 9.01 -17.66
CA ARG A 104 7.70 8.95 -16.68
C ARG A 104 7.65 10.21 -15.83
N PHE A 105 6.44 10.74 -15.65
CA PHE A 105 6.15 11.75 -14.66
C PHE A 105 4.99 11.26 -13.78
N TYR A 106 5.05 11.58 -12.49
CA TYR A 106 4.07 11.08 -11.53
C TYR A 106 3.31 12.27 -10.95
N PRO A 107 2.15 12.62 -11.51
CA PRO A 107 1.51 13.89 -11.14
C PRO A 107 1.12 13.99 -9.66
N ALA A 108 0.85 12.87 -8.99
CA ALA A 108 0.53 12.92 -7.57
C ALA A 108 1.76 12.73 -6.69
N GLY A 109 2.92 12.48 -7.28
CA GLY A 109 4.16 12.50 -6.52
C GLY A 109 4.14 11.55 -5.34
N GLU A 110 4.51 12.07 -4.17
CA GLU A 110 4.67 11.26 -2.96
C GLU A 110 3.38 10.61 -2.50
N VAL A 111 2.22 11.11 -2.97
CA VAL A 111 0.95 10.69 -2.39
C VAL A 111 0.64 9.23 -2.72
N VAL A 112 1.08 8.73 -3.87
N VAL A 112 1.05 8.75 -3.89
CA VAL A 112 0.80 7.36 -4.27
CA VAL A 112 0.79 7.36 -4.30
C VAL A 112 2.09 6.68 -4.71
C VAL A 112 2.09 6.70 -4.73
N ALA A 113 3.22 7.15 -4.20
CA ALA A 113 4.52 6.63 -4.64
C ALA A 113 4.69 5.15 -4.31
N HIS A 114 4.28 4.73 -3.12
CA HIS A 114 4.49 3.33 -2.72
C HIS A 114 3.67 2.38 -3.58
N ALA A 115 2.43 2.75 -3.91
CA ALA A 115 1.60 1.87 -4.73
C ALA A 115 2.10 1.84 -6.17
N VAL A 116 2.36 3.02 -6.75
CA VAL A 116 2.66 3.11 -8.18
C VAL A 116 4.07 2.64 -8.46
N GLY A 117 5.04 3.01 -7.61
CA GLY A 117 6.43 2.72 -7.87
C GLY A 117 6.98 3.63 -8.95
N PHE A 118 8.00 3.13 -9.66
CA PHE A 118 8.59 3.91 -10.73
C PHE A 118 9.33 3.00 -11.69
N THR A 119 9.82 3.60 -12.77
CA THR A 119 10.64 2.93 -13.77
C THR A 119 12.10 3.36 -13.62
N ASP A 120 12.99 2.61 -14.24
CA ASP A 120 14.40 2.97 -14.28
C ASP A 120 14.68 3.89 -15.47
N VAL A 121 15.95 4.22 -15.70
CA VAL A 121 16.19 5.13 -16.82
C VAL A 121 16.16 4.38 -18.13
N ASP A 122 16.29 3.06 -18.11
CA ASP A 122 15.89 2.24 -19.23
C ASP A 122 14.38 2.13 -19.36
N ASP A 123 13.63 2.81 -18.50
CA ASP A 123 12.18 2.93 -18.55
C ASP A 123 11.46 1.61 -18.29
N ARG A 124 12.13 0.66 -17.64
CA ARG A 124 11.53 -0.59 -17.24
C ARG A 124 11.08 -0.47 -15.79
N GLY A 125 9.87 -0.96 -15.51
CA GLY A 125 9.35 -0.90 -14.15
C GLY A 125 10.26 -1.60 -13.17
N ARG A 126 10.57 -0.96 -12.05
CA ARG A 126 11.42 -1.58 -11.04
C ARG A 126 10.85 -1.55 -9.64
N GLU A 127 9.71 -0.88 -9.40
CA GLU A 127 9.10 -0.81 -8.09
C GLU A 127 7.58 -0.77 -8.25
N GLY A 128 6.87 -1.29 -7.25
CA GLY A 128 5.43 -1.09 -7.19
C GLY A 128 4.70 -1.62 -8.40
N ILE A 129 3.59 -0.95 -8.74
CA ILE A 129 2.76 -1.39 -9.86
C ILE A 129 3.52 -1.34 -11.17
N GLU A 130 4.40 -0.34 -11.33
CA GLU A 130 5.22 -0.23 -12.54
C GLU A 130 5.96 -1.54 -12.81
N LEU A 131 6.47 -2.19 -11.76
CA LEU A 131 7.12 -3.49 -11.92
C LEU A 131 6.09 -4.60 -12.07
N ALA A 132 5.11 -4.67 -11.16
CA ALA A 132 4.18 -5.80 -11.14
C ALA A 132 3.41 -5.92 -12.46
N PHE A 133 3.08 -4.80 -13.10
CA PHE A 133 2.36 -4.81 -14.37
C PHE A 133 3.22 -4.32 -15.53
N ASP A 134 4.54 -4.59 -15.48
CA ASP A 134 5.43 -4.06 -16.49
C ASP A 134 5.09 -4.57 -17.88
N GLU A 135 4.76 -5.86 -18.00
CA GLU A 135 4.43 -6.41 -19.32
C GLU A 135 3.22 -5.71 -19.93
N TRP A 136 2.18 -5.48 -19.12
CA TRP A 136 0.98 -4.80 -19.59
C TRP A 136 1.31 -3.39 -20.06
N LEU A 137 2.12 -2.67 -19.28
CA LEU A 137 2.41 -1.26 -19.49
C LEU A 137 3.47 -1.02 -20.58
N ALA A 138 4.38 -1.95 -20.80
CA ALA A 138 5.58 -1.63 -21.57
C ALA A 138 5.32 -1.54 -23.08
N GLY A 139 4.47 -2.38 -23.62
CA GLY A 139 4.34 -2.45 -25.06
C GLY A 139 5.49 -3.22 -25.69
N VAL A 140 5.60 -3.12 -27.02
CA VAL A 140 6.57 -3.88 -27.79
C VAL A 140 7.31 -2.93 -28.73
N PRO A 141 8.63 -2.78 -28.60
CA PRO A 141 9.35 -1.88 -29.51
C PRO A 141 9.27 -2.38 -30.94
N GLY A 142 9.38 -1.45 -31.87
CA GLY A 142 9.43 -1.76 -33.29
C GLY A 142 10.85 -1.85 -33.80
N LYS A 143 10.96 -2.01 -35.12
CA LYS A 143 12.26 -2.05 -35.80
C LYS A 143 12.16 -1.35 -37.14
N ARG A 144 13.24 -0.69 -37.54
CA ARG A 144 13.30 -0.03 -38.82
C ARG A 144 14.68 -0.19 -39.43
N GLN A 145 14.73 -0.17 -40.76
CA GLN A 145 15.98 -0.37 -41.51
C GLN A 145 16.62 0.97 -41.80
N VAL A 146 17.93 1.07 -41.56
CA VAL A 146 18.68 2.27 -41.88
C VAL A 146 19.95 1.86 -42.62
N LEU A 147 20.59 2.86 -43.23
CA LEU A 147 21.93 2.71 -43.76
C LEU A 147 22.84 3.62 -42.93
N LYS A 148 23.90 3.04 -42.39
CA LYS A 148 24.84 3.75 -41.54
C LYS A 148 26.17 3.89 -42.24
N ASP A 149 26.81 5.06 -42.11
CA ASP A 149 28.13 5.26 -42.69
C ASP A 149 29.16 4.57 -41.81
N ARG A 150 30.44 4.78 -42.11
CA ARG A 150 31.50 4.09 -41.39
C ARG A 150 31.60 4.50 -39.93
N ARG A 151 31.06 5.66 -39.55
CA ARG A 151 31.09 6.09 -38.16
C ARG A 151 29.84 5.70 -37.39
N GLY A 152 28.83 5.12 -38.06
CA GLY A 152 27.58 4.79 -37.42
C GLY A 152 26.48 5.80 -37.61
N ARG A 153 26.71 6.86 -38.40
CA ARG A 153 25.70 7.88 -38.64
C ARG A 153 24.64 7.37 -39.61
N VAL A 154 23.37 7.55 -39.24
CA VAL A 154 22.28 7.15 -40.14
C VAL A 154 22.24 8.11 -41.32
N ILE A 155 22.47 7.58 -42.52
CA ILE A 155 22.48 8.41 -43.72
C ILE A 155 21.24 8.22 -44.57
N LYS A 156 20.42 7.21 -44.30
CA LYS A 156 19.09 7.15 -44.89
C LYS A 156 18.20 6.23 -44.08
N ASP A 157 16.94 6.60 -43.97
CA ASP A 157 15.92 5.74 -43.37
C ASP A 157 15.32 4.93 -44.50
N VAL A 158 15.54 3.61 -44.47
CA VAL A 158 15.09 2.76 -45.57
C VAL A 158 13.61 2.46 -45.46
N GLN A 159 13.20 1.82 -44.36
CA GLN A 159 11.82 1.40 -44.18
C GLN A 159 11.63 0.96 -42.73
N VAL A 160 10.38 0.95 -42.30
CA VAL A 160 10.00 0.35 -41.03
C VAL A 160 9.64 -1.10 -41.27
N THR A 161 10.31 -2.02 -40.59
CA THR A 161 10.01 -3.45 -40.74
C THR A 161 8.92 -3.92 -39.80
N LYS A 162 8.82 -3.33 -38.62
CA LYS A 162 7.73 -3.65 -37.71
C LYS A 162 7.40 -2.41 -36.88
N ASN A 163 6.13 -2.06 -36.82
CA ASN A 163 5.72 -0.90 -36.04
C ASN A 163 5.79 -1.22 -34.55
N ALA A 164 6.13 -0.20 -33.76
CA ALA A 164 6.03 -0.33 -32.32
C ALA A 164 4.56 -0.50 -31.92
N LYS A 165 4.35 -1.24 -30.82
CA LYS A 165 3.03 -1.38 -30.23
C LYS A 165 3.03 -0.68 -28.89
N PRO A 166 2.17 0.31 -28.66
CA PRO A 166 2.20 1.02 -27.38
C PRO A 166 1.72 0.15 -26.23
N GLY A 167 2.20 0.46 -25.04
CA GLY A 167 1.69 -0.18 -23.84
C GLY A 167 0.22 0.16 -23.63
N LYS A 168 -0.36 -0.53 -22.65
CA LYS A 168 -1.79 -0.44 -22.40
C LYS A 168 -2.09 0.38 -21.14
N THR A 169 -3.20 1.12 -21.20
CA THR A 169 -3.64 1.87 -20.04
C THR A 169 -4.06 0.92 -18.92
N LEU A 170 -3.74 1.31 -17.69
CA LEU A 170 -4.06 0.51 -16.51
C LEU A 170 -4.77 1.40 -15.50
N ALA A 171 -5.98 1.03 -15.11
CA ALA A 171 -6.73 1.75 -14.10
C ALA A 171 -6.60 0.99 -12.78
N LEU A 172 -5.99 1.64 -11.78
CA LEU A 172 -5.85 1.02 -10.48
C LEU A 172 -7.18 1.04 -9.73
N SER A 173 -7.23 0.24 -8.66
CA SER A 173 -8.35 0.28 -7.74
C SER A 173 -8.35 1.53 -6.87
N ILE A 174 -7.20 2.20 -6.74
CA ILE A 174 -7.07 3.36 -5.87
C ILE A 174 -8.03 4.45 -6.30
N ASP A 175 -8.70 5.08 -5.32
CA ASP A 175 -9.46 6.30 -5.53
C ASP A 175 -8.57 7.46 -5.06
N LEU A 176 -8.15 8.31 -6.00
CA LEU A 176 -7.16 9.34 -5.65
C LEU A 176 -7.69 10.30 -4.60
N ARG A 177 -8.99 10.54 -4.58
CA ARG A 177 -9.58 11.39 -3.54
C ARG A 177 -9.42 10.77 -2.15
N LEU A 178 -9.70 9.48 -2.03
CA LEU A 178 -9.47 8.80 -0.75
C LEU A 178 -7.99 8.70 -0.43
N GLN A 179 -7.16 8.47 -1.45
CA GLN A 179 -5.72 8.37 -1.26
C GLN A 179 -5.16 9.67 -0.69
N TYR A 180 -5.56 10.82 -1.25
CA TYR A 180 -5.08 12.10 -0.74
C TYR A 180 -5.52 12.31 0.70
N LEU A 181 -6.79 12.02 1.00
CA LEU A 181 -7.30 12.17 2.35
C LEU A 181 -6.54 11.27 3.32
N ALA A 182 -6.40 9.99 2.97
CA ALA A 182 -5.63 9.06 3.81
C ALA A 182 -4.20 9.52 4.00
N HIS A 183 -3.56 9.99 2.91
CA HIS A 183 -2.17 10.44 2.99
C HIS A 183 -2.02 11.62 3.94
N ARG A 184 -2.90 12.62 3.81
CA ARG A 184 -2.78 13.81 4.64
C ARG A 184 -2.99 13.48 6.11
N GLU A 185 -4.01 12.66 6.42
CA GLU A 185 -4.34 12.39 7.81
C GLU A 185 -3.34 11.43 8.45
N LEU A 186 -2.77 10.49 7.70
CA LEU A 186 -1.69 9.68 8.24
C LEU A 186 -0.47 10.54 8.55
N ARG A 187 -0.12 11.45 7.63
CA ARG A 187 0.96 12.38 7.88
C ARG A 187 0.70 13.21 9.13
N ASN A 188 -0.53 13.74 9.28
CA ASN A 188 -0.86 14.52 10.47
C ASN A 188 -0.69 13.69 11.74
N ALA A 189 -1.12 12.44 11.71
CA ALA A 189 -1.03 11.60 12.91
C ALA A 189 0.41 11.36 13.32
N LEU A 190 1.31 11.22 12.34
CA LEU A 190 2.72 11.03 12.67
C LEU A 190 3.28 12.23 13.41
N LEU A 191 2.90 13.44 12.97
CA LEU A 191 3.36 14.64 13.64
C LEU A 191 2.77 14.76 15.04
N GLU A 192 1.47 14.52 15.18
CA GLU A 192 0.83 14.69 16.48
C GLU A 192 1.37 13.72 17.52
N ASN A 193 1.86 12.56 17.08
CA ASN A 193 2.36 11.55 17.99
C ASN A 193 3.88 11.38 17.92
N GLY A 194 4.57 12.20 17.14
CA GLY A 194 5.99 12.06 16.93
C GLY A 194 6.38 10.63 16.56
N ALA A 195 5.66 10.07 15.60
CA ALA A 195 5.83 8.66 15.26
C ALA A 195 6.88 8.48 14.17
N LYS A 196 7.41 7.26 14.11
CA LYS A 196 8.48 6.94 13.17
C LYS A 196 7.95 6.57 11.79
N ALA A 197 6.82 5.86 11.74
CA ALA A 197 6.29 5.35 10.48
C ALA A 197 4.82 5.01 10.68
N GLY A 198 4.15 4.65 9.58
CA GLY A 198 2.77 4.25 9.67
C GLY A 198 2.23 3.80 8.32
N SER A 199 1.03 3.22 8.36
N SER A 199 1.03 3.25 8.34
CA SER A 199 0.33 2.77 7.17
CA SER A 199 0.36 2.78 7.14
C SER A 199 -1.16 2.99 7.34
C SER A 199 -1.15 2.85 7.32
N LEU A 200 -1.84 3.13 6.22
CA LEU A 200 -3.31 3.23 6.22
C LEU A 200 -3.82 2.56 4.95
N VAL A 201 -4.68 1.56 5.13
CA VAL A 201 -5.27 0.82 4.01
C VAL A 201 -6.77 1.01 4.07
N ILE A 202 -7.38 1.28 2.92
CA ILE A 202 -8.83 1.36 2.76
C ILE A 202 -9.25 0.35 1.72
N MET A 203 -10.26 -0.46 2.04
CA MET A 203 -10.75 -1.47 1.12
C MET A 203 -12.26 -1.39 0.95
N ASP A 204 -12.71 -1.66 -0.27
CA ASP A 204 -14.12 -1.83 -0.60
C ASP A 204 -14.51 -3.26 -0.24
N VAL A 205 -15.38 -3.42 0.76
CA VAL A 205 -15.68 -4.76 1.26
C VAL A 205 -16.53 -5.56 0.27
N LYS A 206 -17.17 -4.90 -0.70
CA LYS A 206 -18.03 -5.58 -1.65
C LYS A 206 -17.30 -6.02 -2.92
N THR A 207 -16.16 -5.39 -3.24
CA THR A 207 -15.47 -5.66 -4.49
C THR A 207 -14.03 -6.10 -4.33
N GLY A 208 -13.50 -6.10 -3.11
CA GLY A 208 -12.11 -6.43 -2.90
C GLY A 208 -11.11 -5.39 -3.35
N GLU A 209 -11.57 -4.23 -3.82
CA GLU A 209 -10.66 -3.21 -4.33
C GLU A 209 -9.91 -2.50 -3.22
N ILE A 210 -8.60 -2.33 -3.41
CA ILE A 210 -7.79 -1.50 -2.52
C ILE A 210 -8.02 -0.05 -2.95
N LEU A 211 -8.85 0.67 -2.18
CA LEU A 211 -9.24 2.04 -2.49
C LEU A 211 -8.17 3.05 -2.10
N ALA A 212 -7.37 2.73 -1.09
CA ALA A 212 -6.28 3.61 -0.68
C ALA A 212 -5.23 2.77 0.03
N MET A 213 -3.97 3.12 -0.21
CA MET A 213 -2.84 2.43 0.41
C MET A 213 -1.72 3.46 0.52
N THR A 214 -1.52 4.01 1.72
CA THR A 214 -0.53 5.04 1.94
C THR A 214 0.37 4.65 3.11
N ASN A 215 1.60 5.15 3.09
CA ASN A 215 2.56 4.88 4.17
C ASN A 215 3.36 6.13 4.45
N GLN A 216 3.92 6.19 5.67
CA GLN A 216 4.94 7.15 6.04
C GLN A 216 6.13 6.39 6.60
N PRO A 217 7.37 6.84 6.30
CA PRO A 217 7.71 7.97 5.42
C PRO A 217 7.45 7.63 3.96
N THR A 218 7.37 8.65 3.12
CA THR A 218 7.22 8.43 1.69
C THR A 218 8.28 9.23 0.96
N TYR A 219 8.22 9.28 -0.37
CA TYR A 219 9.27 9.93 -1.16
C TYR A 219 8.66 10.52 -2.41
N ASN A 220 9.40 11.42 -3.05
CA ASN A 220 8.95 12.05 -4.27
C ASN A 220 9.53 11.30 -5.46
N PRO A 221 8.72 10.52 -6.20
CA PRO A 221 9.28 9.71 -7.29
C PRO A 221 9.71 10.53 -8.49
N ASN A 222 9.44 11.85 -8.50
CA ASN A 222 9.91 12.72 -9.56
C ASN A 222 11.27 13.33 -9.26
N ASN A 223 11.82 13.08 -8.07
CA ASN A 223 13.09 13.67 -7.65
C ASN A 223 13.80 12.65 -6.75
N ARG A 224 14.32 11.59 -7.37
CA ARG A 224 14.90 10.47 -6.63
C ARG A 224 16.40 10.71 -6.44
N ARG A 225 16.69 11.70 -5.59
CA ARG A 225 18.06 12.08 -5.27
C ARG A 225 18.37 11.57 -3.86
N ASN A 226 19.30 10.61 -3.78
CA ASN A 226 19.75 10.05 -2.50
C ASN A 226 18.58 9.52 -1.67
N LEU A 227 17.68 8.79 -2.33
CA LEU A 227 16.52 8.26 -1.63
C LEU A 227 16.95 7.24 -0.57
N GLN A 228 16.47 7.44 0.64
CA GLN A 228 16.69 6.45 1.68
C GLN A 228 15.76 5.27 1.43
N PRO A 229 16.28 4.03 1.44
CA PRO A 229 15.40 2.87 1.16
C PRO A 229 14.25 2.74 2.15
N ALA A 230 14.38 3.27 3.37
CA ALA A 230 13.29 3.18 4.33
C ALA A 230 12.07 3.97 3.87
N ALA A 231 12.30 5.11 3.20
CA ALA A 231 11.19 5.91 2.68
C ALA A 231 10.51 5.24 1.48
N MET A 232 11.16 4.28 0.83
CA MET A 232 10.58 3.65 -0.34
C MET A 232 9.75 2.42 -0.02
N ARG A 233 9.72 2.00 1.25
CA ARG A 233 9.03 0.76 1.60
C ARG A 233 7.52 0.95 1.51
N ASN A 234 6.86 0.12 0.70
CA ASN A 234 5.39 0.07 0.77
C ASN A 234 5.06 -0.81 1.97
N ARG A 235 5.10 -0.19 3.16
CA ARG A 235 5.01 -0.94 4.40
C ARG A 235 3.71 -1.73 4.50
N ALA A 236 2.61 -1.18 3.97
CA ALA A 236 1.32 -1.86 4.03
C ALA A 236 1.38 -3.27 3.44
N MET A 237 2.31 -3.53 2.54
CA MET A 237 2.42 -4.84 1.91
C MET A 237 3.67 -5.62 2.26
N ILE A 238 4.78 -4.95 2.60
CA ILE A 238 6.07 -5.62 2.75
C ILE A 238 6.58 -5.59 4.19
N ASP A 239 5.88 -4.93 5.10
CA ASP A 239 6.20 -4.97 6.52
C ASP A 239 5.20 -5.89 7.22
N VAL A 240 5.70 -6.73 8.12
CA VAL A 240 4.84 -7.55 8.96
C VAL A 240 4.89 -7.00 10.38
N PHE A 241 3.81 -7.22 11.13
CA PHE A 241 3.73 -6.75 12.50
C PHE A 241 2.81 -7.69 13.29
N GLU A 242 2.92 -7.61 14.61
CA GLU A 242 2.00 -8.35 15.48
C GLU A 242 0.67 -7.63 15.55
N PRO A 243 -0.43 -8.25 15.11
CA PRO A 243 -1.73 -7.57 15.13
C PRO A 243 -2.34 -7.46 16.51
N GLY A 244 -1.86 -8.23 17.48
CA GLY A 244 -2.39 -8.20 18.84
C GLY A 244 -3.89 -8.34 18.95
N SER A 245 -4.54 -7.23 19.56
CA SER A 245 -5.95 -7.37 20.01
C SER A 245 -6.91 -7.31 18.81
N THR A 246 -6.27 -6.71 17.69
CA THR A 246 -7.14 -6.60 16.52
C THR A 246 -7.58 -7.95 15.94
N VAL A 247 -6.97 -9.05 16.38
CA VAL A 247 -7.46 -10.37 15.94
C VAL A 247 -8.52 -10.93 16.87
N LYS A 248 -8.80 -10.29 18.00
CA LYS A 248 -9.80 -10.82 18.92
C LYS A 248 -11.19 -11.01 18.31
N PRO A 249 -11.65 -10.22 17.33
CA PRO A 249 -12.96 -10.54 16.72
C PRO A 249 -12.98 -11.85 15.97
N PHE A 250 -11.83 -12.35 15.52
CA PHE A 250 -11.81 -13.65 14.86
C PHE A 250 -11.80 -14.78 15.88
N SER A 251 -11.11 -14.59 17.01
CA SER A 251 -11.28 -15.50 18.14
C SER A 251 -12.72 -15.54 18.58
N MET A 252 -13.39 -14.38 18.60
N MET A 252 -13.38 -14.38 18.62
CA MET A 252 -14.79 -14.33 19.01
CA MET A 252 -14.78 -14.31 19.00
C MET A 252 -15.69 -14.99 17.98
C MET A 252 -15.67 -15.01 17.98
N SER A 253 -15.34 -14.92 16.70
CA SER A 253 -16.10 -15.63 15.68
C SER A 253 -16.05 -17.14 15.91
N ALA A 254 -14.87 -17.66 16.24
CA ALA A 254 -14.76 -19.08 16.52
C ALA A 254 -15.57 -19.45 17.76
N ALA A 255 -15.56 -18.58 18.78
CA ALA A 255 -16.34 -18.82 19.98
C ALA A 255 -17.82 -18.94 19.65
N LEU A 256 -18.35 -17.99 18.88
CA LEU A 256 -19.78 -18.02 18.54
C LEU A 256 -20.13 -19.18 17.63
N ALA A 257 -19.22 -19.55 16.72
CA ALA A 257 -19.48 -20.67 15.82
C ALA A 257 -19.43 -22.01 16.53
N SER A 258 -18.78 -22.09 17.70
CA SER A 258 -18.63 -23.36 18.39
C SER A 258 -19.95 -23.88 18.94
N GLY A 259 -20.93 -23.02 19.14
CA GLY A 259 -22.16 -23.38 19.81
C GLY A 259 -22.11 -23.27 21.32
N ARG A 260 -20.97 -22.91 21.89
CA ARG A 260 -20.80 -22.84 23.34
C ARG A 260 -20.84 -21.42 23.88
N TRP A 261 -21.00 -20.41 23.02
CA TRP A 261 -20.90 -19.03 23.44
C TRP A 261 -21.92 -18.15 22.74
N LYS A 262 -22.53 -17.24 23.49
N LYS A 262 -22.53 -17.24 23.48
CA LYS A 262 -23.37 -16.18 23.00
CA LYS A 262 -23.35 -16.17 22.96
C LYS A 262 -22.85 -14.86 23.56
C LYS A 262 -22.86 -14.87 23.56
N PRO A 263 -23.14 -13.73 22.89
CA PRO A 263 -22.58 -12.45 23.36
C PRO A 263 -22.87 -12.11 24.82
N SER A 264 -24.02 -12.51 25.36
CA SER A 264 -24.38 -12.20 26.73
C SER A 264 -23.75 -13.16 27.74
N ASP A 265 -23.07 -14.21 27.29
CA ASP A 265 -22.36 -15.07 28.23
C ASP A 265 -21.26 -14.28 28.93
N ILE A 266 -20.87 -14.77 30.10
CA ILE A 266 -20.03 -14.05 31.05
C ILE A 266 -18.74 -14.84 31.25
N VAL A 267 -17.64 -14.10 31.44
CA VAL A 267 -16.34 -14.66 31.78
C VAL A 267 -15.82 -13.89 32.98
N ASP A 268 -15.30 -14.61 33.99
CA ASP A 268 -14.67 -13.97 35.13
C ASP A 268 -13.19 -13.72 34.81
N VAL A 269 -12.79 -12.44 34.76
CA VAL A 269 -11.40 -12.08 34.48
C VAL A 269 -10.67 -11.57 35.70
N TYR A 270 -11.30 -11.60 36.87
CA TYR A 270 -10.61 -11.20 38.09
C TYR A 270 -9.43 -12.13 38.35
N PRO A 271 -8.30 -11.61 38.82
CA PRO A 271 -7.99 -10.21 39.16
C PRO A 271 -7.24 -9.46 38.07
N GLY A 272 -7.54 -9.71 36.80
CA GLY A 272 -6.84 -9.07 35.71
C GLY A 272 -5.56 -9.76 35.27
N THR A 273 -5.23 -10.89 35.87
CA THR A 273 -4.08 -11.70 35.47
C THR A 273 -4.50 -13.17 35.50
N LEU A 274 -3.75 -13.98 34.76
CA LEU A 274 -4.02 -15.41 34.69
C LEU A 274 -2.69 -16.11 34.52
N GLN A 275 -2.30 -16.89 35.52
CA GLN A 275 -1.01 -17.57 35.52
C GLN A 275 -1.11 -18.90 34.80
N ILE A 276 -0.23 -19.12 33.84
CA ILE A 276 -0.16 -20.37 33.07
C ILE A 276 1.28 -20.88 33.23
N GLY A 277 1.51 -21.63 34.30
CA GLY A 277 2.87 -22.05 34.61
C GLY A 277 3.76 -20.87 34.91
N ARG A 278 4.84 -20.72 34.15
CA ARG A 278 5.74 -19.58 34.30
C ARG A 278 5.30 -18.37 33.50
N TYR A 279 4.21 -18.48 32.75
CA TYR A 279 3.70 -17.40 31.93
C TYR A 279 2.47 -16.77 32.60
N THR A 280 2.35 -15.45 32.50
CA THR A 280 1.26 -14.73 33.12
C THR A 280 0.57 -13.88 32.06
N ILE A 281 -0.69 -14.20 31.77
CA ILE A 281 -1.53 -13.38 30.91
C ILE A 281 -2.00 -12.19 31.73
N ARG A 282 -1.87 -10.98 31.18
CA ARG A 282 -2.18 -9.77 31.93
C ARG A 282 -3.10 -8.86 31.14
N ASP A 283 -4.07 -8.26 31.83
CA ASP A 283 -4.88 -7.18 31.29
C ASP A 283 -4.31 -5.84 31.75
N VAL A 284 -4.60 -4.80 30.99
CA VAL A 284 -4.26 -3.45 31.43
C VAL A 284 -5.28 -2.94 32.44
N SER A 285 -6.57 -3.00 32.08
CA SER A 285 -7.62 -2.69 33.03
C SER A 285 -7.86 -3.92 33.91
N ARG A 286 -7.60 -3.78 35.21
CA ARG A 286 -7.70 -4.88 36.16
C ARG A 286 -8.65 -4.54 37.30
N ASN A 287 -9.74 -3.84 36.99
CA ASN A 287 -10.81 -3.56 37.93
C ASN A 287 -12.10 -4.23 37.46
N SER A 288 -11.98 -5.45 36.95
CA SER A 288 -13.11 -6.19 36.41
C SER A 288 -13.20 -7.56 37.07
N ARG A 289 -14.41 -8.08 37.12
CA ARG A 289 -14.61 -9.47 37.49
C ARG A 289 -15.38 -10.13 36.35
N GLN A 290 -16.71 -10.10 36.40
CA GLN A 290 -17.51 -10.65 35.32
C GLN A 290 -17.61 -9.68 34.16
N LEU A 291 -17.28 -10.14 32.96
CA LEU A 291 -17.47 -9.39 31.73
C LEU A 291 -18.23 -10.24 30.75
N ASP A 292 -19.14 -9.63 30.00
CA ASP A 292 -19.72 -10.37 28.89
C ASP A 292 -18.80 -10.28 27.68
N LEU A 293 -19.15 -10.96 26.60
CA LEU A 293 -18.22 -11.09 25.49
C LEU A 293 -17.96 -9.75 24.81
N THR A 294 -18.96 -8.87 24.76
CA THR A 294 -18.72 -7.53 24.23
C THR A 294 -17.81 -6.74 25.17
N GLY A 295 -18.01 -6.86 26.48
CA GLY A 295 -17.14 -6.19 27.43
C GLY A 295 -15.70 -6.65 27.36
N ILE A 296 -15.49 -7.94 27.05
CA ILE A 296 -14.13 -8.44 26.85
C ILE A 296 -13.45 -7.66 25.73
N LEU A 297 -14.18 -7.38 24.66
CA LEU A 297 -13.61 -6.60 23.57
C LEU A 297 -13.46 -5.12 23.95
N ILE A 298 -14.48 -4.55 24.61
CA ILE A 298 -14.43 -3.13 24.97
C ILE A 298 -13.24 -2.87 25.89
N LYS A 299 -13.07 -3.72 26.89
CA LYS A 299 -11.92 -3.61 27.78
C LYS A 299 -10.65 -4.21 27.18
N SER A 300 -10.76 -4.90 26.04
CA SER A 300 -9.66 -5.63 25.43
C SER A 300 -8.95 -6.50 26.47
N SER A 301 -9.72 -7.42 27.05
CA SER A 301 -9.20 -8.28 28.11
C SER A 301 -8.48 -9.46 27.48
N ASN A 302 -7.16 -9.50 27.62
CA ASN A 302 -6.42 -10.68 27.20
C ASN A 302 -6.84 -11.90 28.02
N VAL A 303 -7.12 -11.69 29.31
CA VAL A 303 -7.52 -12.79 30.17
C VAL A 303 -8.85 -13.37 29.71
N GLY A 304 -9.80 -12.50 29.38
CA GLY A 304 -11.12 -12.97 28.97
C GLY A 304 -11.06 -13.77 27.67
N ILE A 305 -10.36 -13.25 26.67
CA ILE A 305 -10.29 -13.96 25.40
C ILE A 305 -9.53 -15.27 25.57
N SER A 306 -8.55 -15.31 26.47
CA SER A 306 -7.79 -16.54 26.68
C SER A 306 -8.66 -17.63 27.29
N LYS A 307 -9.49 -17.28 28.28
CA LYS A 307 -10.36 -18.29 28.88
C LYS A 307 -11.36 -18.83 27.87
N ILE A 308 -11.83 -17.97 26.97
CA ILE A 308 -12.69 -18.45 25.89
C ILE A 308 -11.92 -19.41 25.00
N ALA A 309 -10.65 -19.07 24.71
CA ALA A 309 -9.83 -19.93 23.84
C ALA A 309 -9.58 -21.28 24.47
N PHE A 310 -9.37 -21.33 25.79
CA PHE A 310 -9.21 -22.62 26.45
C PHE A 310 -10.46 -23.48 26.29
N ASP A 311 -11.64 -22.85 26.27
CA ASP A 311 -12.90 -23.61 26.20
C ASP A 311 -13.12 -24.18 24.80
N ILE A 312 -12.84 -23.40 23.76
CA ILE A 312 -13.17 -23.86 22.40
C ILE A 312 -12.00 -24.51 21.68
N GLY A 313 -10.78 -24.36 22.19
CA GLY A 313 -9.64 -24.96 21.52
C GLY A 313 -8.99 -24.03 20.52
N ALA A 314 -7.66 -24.07 20.47
CA ALA A 314 -6.93 -23.19 19.56
C ALA A 314 -7.17 -23.54 18.10
N GLU A 315 -7.47 -24.81 17.81
CA GLU A 315 -7.64 -25.22 16.41
C GLU A 315 -8.77 -24.45 15.75
N SER A 316 -9.88 -24.25 16.47
CA SER A 316 -11.00 -23.52 15.88
C SER A 316 -10.64 -22.07 15.60
N ILE A 317 -9.81 -21.48 16.45
CA ILE A 317 -9.40 -20.09 16.30
C ILE A 317 -8.40 -19.94 15.15
N TYR A 318 -7.37 -20.79 15.15
CA TYR A 318 -6.42 -20.83 14.04
C TYR A 318 -7.13 -20.93 12.71
N SER A 319 -8.15 -21.79 12.62
N SER A 319 -8.15 -21.78 12.62
CA SER A 319 -8.86 -22.00 11.36
CA SER A 319 -8.84 -21.99 11.35
C SER A 319 -9.54 -20.73 10.89
C SER A 319 -9.56 -20.73 10.87
N VAL A 320 -10.17 -19.97 11.79
CA VAL A 320 -10.83 -18.74 11.39
C VAL A 320 -9.80 -17.74 10.88
N MET A 321 -8.68 -17.61 11.58
CA MET A 321 -7.68 -16.63 11.17
C MET A 321 -7.04 -17.04 9.85
N GLN A 322 -6.84 -18.34 9.64
CA GLN A 322 -6.38 -18.82 8.35
C GLN A 322 -7.39 -18.49 7.25
N GLN A 323 -8.68 -18.72 7.53
CA GLN A 323 -9.69 -18.54 6.50
C GLN A 323 -9.84 -17.08 6.10
N VAL A 324 -9.75 -16.15 7.05
CA VAL A 324 -9.88 -14.74 6.71
C VAL A 324 -8.59 -14.15 6.15
N GLY A 325 -7.51 -14.92 6.10
CA GLY A 325 -6.32 -14.53 5.37
C GLY A 325 -5.13 -14.07 6.17
N LEU A 326 -5.19 -14.11 7.50
CA LEU A 326 -4.07 -13.63 8.30
C LEU A 326 -2.87 -14.57 8.17
N GLY A 327 -1.72 -14.00 7.81
CA GLY A 327 -0.55 -14.82 7.59
C GLY A 327 -0.65 -15.73 6.40
N GLN A 328 -1.54 -15.42 5.45
CA GLN A 328 -1.77 -16.25 4.28
C GLN A 328 -1.49 -15.43 3.03
N ASP A 329 -1.00 -16.12 1.99
CA ASP A 329 -0.68 -15.47 0.73
C ASP A 329 -1.91 -14.76 0.18
N THR A 330 -1.78 -13.45 -0.05
CA THR A 330 -2.87 -12.72 -0.70
C THR A 330 -3.00 -13.08 -2.16
N GLY A 331 -1.92 -13.57 -2.78
CA GLY A 331 -1.90 -13.84 -4.20
C GLY A 331 -1.80 -12.61 -5.09
N LEU A 332 -1.67 -11.41 -4.52
CA LEU A 332 -1.67 -10.20 -5.34
C LEU A 332 -0.44 -10.12 -6.23
N GLY A 333 0.71 -10.55 -5.73
CA GLY A 333 1.93 -10.46 -6.51
C GLY A 333 2.59 -9.10 -6.50
N PHE A 334 2.40 -8.31 -5.44
CA PHE A 334 3.11 -7.05 -5.33
C PHE A 334 4.57 -7.32 -4.97
N PRO A 335 5.51 -6.59 -5.57
CA PRO A 335 6.93 -6.89 -5.33
C PRO A 335 7.29 -6.79 -3.85
N GLY A 336 7.89 -7.85 -3.33
CA GLY A 336 8.30 -7.91 -1.95
C GLY A 336 7.18 -8.16 -0.96
N GLU A 337 5.95 -8.36 -1.42
CA GLU A 337 4.82 -8.56 -0.52
C GLU A 337 5.04 -9.78 0.37
N ARG A 338 4.78 -9.63 1.66
CA ARG A 338 5.02 -10.68 2.63
C ARG A 338 3.77 -11.53 2.87
N VAL A 339 4.01 -12.79 3.21
CA VAL A 339 2.92 -13.68 3.61
C VAL A 339 2.72 -13.64 5.12
N GLY A 340 3.79 -13.42 5.89
CA GLY A 340 3.65 -13.37 7.33
C GLY A 340 3.60 -14.78 7.91
N ASN A 341 3.13 -14.86 9.16
CA ASN A 341 3.17 -16.12 9.87
C ASN A 341 2.02 -16.22 10.86
N LEU A 342 1.20 -17.26 10.69
CA LEU A 342 0.23 -17.66 11.68
C LEU A 342 0.82 -18.90 12.36
N PRO A 343 1.37 -18.78 13.57
CA PRO A 343 2.14 -19.89 14.15
C PRO A 343 1.29 -21.13 14.32
N ASN A 344 1.89 -22.28 14.07
CA ASN A 344 1.18 -23.54 14.13
C ASN A 344 1.92 -24.51 15.04
N HIS A 345 1.17 -25.41 15.64
CA HIS A 345 1.70 -26.40 16.56
C HIS A 345 1.01 -27.73 16.32
N ARG A 346 1.70 -28.81 16.71
CA ARG A 346 1.05 -30.12 16.72
C ARG A 346 -0.09 -30.13 17.73
N LYS A 347 0.25 -29.96 19.01
CA LYS A 347 -0.70 -29.82 20.09
C LYS A 347 -0.55 -28.43 20.69
N TRP A 348 -1.67 -27.81 21.03
CA TRP A 348 -1.67 -26.43 21.51
C TRP A 348 -1.77 -26.43 23.02
N PRO A 349 -0.69 -26.12 23.75
CA PRO A 349 -0.82 -25.95 25.20
C PRO A 349 -1.55 -24.65 25.53
N LYS A 350 -1.77 -24.37 26.82
CA LYS A 350 -2.52 -23.18 27.20
C LYS A 350 -1.80 -21.91 26.76
N ALA A 351 -0.47 -21.86 26.91
CA ALA A 351 0.24 -20.63 26.59
C ALA A 351 0.06 -20.26 25.12
N GLU A 352 0.32 -21.22 24.22
CA GLU A 352 0.18 -20.97 22.80
C GLU A 352 -1.27 -20.71 22.40
N THR A 353 -2.22 -21.36 23.07
CA THR A 353 -3.62 -21.11 22.80
C THR A 353 -4.00 -19.67 23.14
N ALA A 354 -3.54 -19.18 24.29
CA ALA A 354 -3.87 -17.82 24.71
C ALA A 354 -3.25 -16.78 23.78
N THR A 355 -1.95 -16.92 23.49
CA THR A 355 -1.27 -15.90 22.69
C THR A 355 -1.85 -15.81 21.29
N LEU A 356 -2.17 -16.96 20.68
CA LEU A 356 -2.88 -16.92 19.40
C LEU A 356 -4.15 -16.10 19.51
N ALA A 357 -4.94 -16.35 20.56
CA ALA A 357 -6.27 -15.76 20.67
C ALA A 357 -6.23 -14.24 20.81
N TYR A 358 -5.16 -13.68 21.36
CA TYR A 358 -5.04 -12.23 21.42
C TYR A 358 -3.89 -11.69 20.57
N GLY A 359 -3.49 -12.44 19.55
CA GLY A 359 -2.64 -11.90 18.50
C GLY A 359 -1.20 -11.67 18.87
N TYR A 360 -0.70 -12.33 19.89
CA TYR A 360 0.70 -12.24 20.28
C TYR A 360 1.49 -13.30 19.53
N GLY A 361 2.61 -12.88 18.93
CA GLY A 361 3.46 -13.80 18.19
C GLY A 361 3.03 -14.09 16.77
N LEU A 362 1.99 -13.42 16.28
CA LEU A 362 1.57 -13.55 14.89
C LEU A 362 2.24 -12.47 14.05
N SER A 363 2.36 -12.73 12.74
CA SER A 363 2.92 -11.77 11.79
C SER A 363 1.97 -11.62 10.63
N VAL A 364 1.44 -10.40 10.45
CA VAL A 364 0.53 -10.09 9.36
C VAL A 364 0.96 -8.77 8.72
N THR A 365 0.41 -8.49 7.55
CA THR A 365 0.54 -7.18 6.92
C THR A 365 -0.74 -6.38 7.07
N ALA A 366 -0.63 -5.06 6.89
CA ALA A 366 -1.81 -4.20 6.98
C ALA A 366 -2.84 -4.56 5.91
N ILE A 367 -2.37 -4.95 4.72
CA ILE A 367 -3.27 -5.41 3.66
C ILE A 367 -4.04 -6.64 4.13
N GLN A 368 -3.34 -7.61 4.74
CA GLN A 368 -4.02 -8.80 5.23
C GLN A 368 -5.04 -8.46 6.31
N LEU A 369 -4.64 -7.60 7.25
CA LEU A 369 -5.56 -7.25 8.33
C LEU A 369 -6.81 -6.56 7.78
N ALA A 370 -6.64 -5.68 6.79
CA ALA A 370 -7.78 -4.98 6.23
C ALA A 370 -8.69 -5.93 5.47
N HIS A 371 -8.10 -6.87 4.72
CA HIS A 371 -8.86 -7.85 3.96
C HIS A 371 -9.67 -8.75 4.88
N ALA A 372 -9.10 -9.11 6.03
CA ALA A 372 -9.81 -9.93 6.99
C ALA A 372 -11.00 -9.17 7.58
N TYR A 373 -10.80 -7.89 7.90
CA TYR A 373 -11.92 -7.08 8.37
C TYR A 373 -12.94 -6.83 7.26
N ALA A 374 -12.50 -6.77 6.00
CA ALA A 374 -13.45 -6.65 4.89
C ALA A 374 -14.35 -7.88 4.80
N ALA A 375 -13.79 -9.06 4.98
CA ALA A 375 -14.62 -10.27 4.96
C ALA A 375 -15.60 -10.28 6.12
N LEU A 376 -15.15 -9.88 7.31
CA LEU A 376 -16.06 -9.80 8.46
C LEU A 376 -17.20 -8.84 8.17
N ALA A 377 -16.89 -7.65 7.64
CA ALA A 377 -17.92 -6.66 7.35
C ALA A 377 -18.88 -7.16 6.28
N ASN A 378 -18.36 -7.86 5.27
CA ASN A 378 -19.16 -8.37 4.15
C ASN A 378 -19.94 -9.64 4.51
N ASP A 379 -20.54 -9.67 5.70
CA ASP A 379 -21.31 -10.82 6.18
C ASP A 379 -20.54 -12.12 6.03
N GLY A 380 -19.24 -12.07 6.31
CA GLY A 380 -18.40 -13.25 6.33
C GLY A 380 -17.89 -13.72 4.99
N LYS A 381 -18.17 -13.01 3.90
CA LYS A 381 -17.74 -13.44 2.57
C LYS A 381 -16.55 -12.61 2.10
N SER A 382 -15.48 -13.30 1.69
CA SER A 382 -14.22 -12.64 1.33
C SER A 382 -14.14 -12.52 -0.19
N VAL A 383 -14.16 -11.29 -0.69
CA VAL A 383 -14.00 -11.02 -2.11
C VAL A 383 -12.51 -10.88 -2.40
N PRO A 384 -11.99 -11.54 -3.44
CA PRO A 384 -10.54 -11.50 -3.71
C PRO A 384 -10.01 -10.07 -3.82
N LEU A 385 -8.81 -9.87 -3.29
CA LEU A 385 -8.15 -8.57 -3.34
C LEU A 385 -7.81 -8.18 -4.77
N SER A 386 -7.85 -6.87 -5.03
CA SER A 386 -7.44 -6.35 -6.34
C SER A 386 -6.76 -5.01 -6.18
N MET A 387 -5.65 -4.82 -6.90
N MET A 387 -5.66 -4.81 -6.90
CA MET A 387 -5.00 -3.53 -7.04
CA MET A 387 -5.02 -3.52 -7.03
C MET A 387 -5.50 -2.75 -8.24
C MET A 387 -5.37 -2.80 -8.33
N THR A 388 -6.28 -3.37 -9.12
CA THR A 388 -6.78 -2.75 -10.33
C THR A 388 -8.28 -2.56 -10.23
N ARG A 389 -8.81 -1.65 -11.03
CA ARG A 389 -10.25 -1.38 -11.01
C ARG A 389 -11.02 -2.64 -11.37
N VAL A 390 -12.06 -2.93 -10.59
CA VAL A 390 -12.86 -4.14 -10.75
C VAL A 390 -14.20 -3.74 -11.37
N ASP A 391 -14.43 -4.17 -12.59
CA ASP A 391 -15.73 -3.95 -13.25
C ASP A 391 -16.67 -5.12 -13.03
N ARG A 392 -16.19 -6.34 -13.29
CA ARG A 392 -16.93 -7.57 -13.00
C ARG A 392 -16.38 -8.14 -11.70
N VAL A 393 -17.17 -8.10 -10.64
CA VAL A 393 -16.67 -8.57 -9.35
C VAL A 393 -16.60 -10.08 -9.34
N PRO A 394 -15.45 -10.68 -9.04
CA PRO A 394 -15.37 -12.14 -8.97
C PRO A 394 -16.10 -12.67 -7.75
N ASP A 395 -16.44 -13.95 -7.80
CA ASP A 395 -17.17 -14.55 -6.69
C ASP A 395 -16.27 -14.63 -5.45
N GLY A 396 -16.88 -14.46 -4.29
CA GLY A 396 -16.16 -14.54 -3.04
C GLY A 396 -16.17 -15.94 -2.46
N VAL A 397 -15.56 -16.07 -1.29
CA VAL A 397 -15.54 -17.31 -0.55
C VAL A 397 -16.09 -17.04 0.84
N GLN A 398 -17.05 -17.85 1.27
CA GLN A 398 -17.61 -17.71 2.61
C GLN A 398 -16.61 -18.25 3.60
N VAL A 399 -16.00 -17.37 4.40
CA VAL A 399 -15.00 -17.76 5.37
C VAL A 399 -15.50 -17.70 6.80
N ILE A 400 -16.53 -16.90 7.09
CA ILE A 400 -17.25 -16.92 8.35
C ILE A 400 -18.72 -16.96 7.99
N SER A 401 -19.51 -17.73 8.74
CA SER A 401 -20.90 -17.84 8.36
C SER A 401 -21.60 -16.48 8.54
N PRO A 402 -22.61 -16.19 7.73
CA PRO A 402 -23.23 -14.86 7.79
C PRO A 402 -23.81 -14.51 9.14
N GLU A 403 -24.36 -15.49 9.87
CA GLU A 403 -24.96 -15.20 11.17
C GLU A 403 -23.88 -14.84 12.19
N VAL A 404 -22.79 -15.60 12.25
CA VAL A 404 -21.70 -15.29 13.17
C VAL A 404 -21.08 -13.95 12.81
N ALA A 405 -20.82 -13.72 11.52
CA ALA A 405 -20.26 -12.44 11.08
C ALA A 405 -21.14 -11.28 11.53
N SER A 406 -22.45 -11.41 11.34
CA SER A 406 -23.38 -10.35 11.69
C SER A 406 -23.38 -10.08 13.18
N THR A 407 -23.28 -11.13 14.00
CA THR A 407 -23.23 -10.92 15.44
C THR A 407 -21.93 -10.23 15.86
N VAL A 408 -20.80 -10.66 15.28
CA VAL A 408 -19.52 -10.02 15.61
C VAL A 408 -19.53 -8.57 15.15
N GLN A 409 -20.12 -8.29 13.98
CA GLN A 409 -20.26 -6.91 13.54
C GLN A 409 -20.95 -6.05 14.59
N GLY A 410 -22.05 -6.55 15.15
CA GLY A 410 -22.78 -5.78 16.13
C GLY A 410 -21.98 -5.57 17.40
N MET A 411 -21.23 -6.60 17.82
CA MET A 411 -20.32 -6.44 18.95
C MET A 411 -19.29 -5.35 18.67
N LEU A 412 -18.72 -5.32 17.47
CA LEU A 412 -17.72 -4.32 17.14
C LEU A 412 -18.31 -2.93 17.04
N GLN A 413 -19.58 -2.80 16.61
CA GLN A 413 -20.25 -1.51 16.71
C GLN A 413 -20.34 -1.07 18.16
N GLN A 414 -20.62 -1.99 19.07
CA GLN A 414 -20.65 -1.63 20.49
C GLN A 414 -19.27 -1.21 20.99
N VAL A 415 -18.21 -1.85 20.49
CA VAL A 415 -16.85 -1.45 20.90
C VAL A 415 -16.62 0.03 20.62
N VAL A 416 -17.17 0.53 19.51
CA VAL A 416 -16.96 1.92 19.13
C VAL A 416 -17.93 2.86 19.85
N GLU A 417 -19.18 2.41 20.04
CA GLU A 417 -20.25 3.29 20.48
C GLU A 417 -20.66 3.14 21.95
N ALA A 418 -20.38 2.00 22.58
CA ALA A 418 -20.91 1.79 23.92
C ALA A 418 -20.11 2.58 24.95
N GLN A 419 -20.72 2.75 26.13
CA GLN A 419 -20.05 3.45 27.21
C GLN A 419 -18.75 2.75 27.55
N GLY A 420 -17.68 3.54 27.69
CA GLY A 420 -16.36 3.00 27.93
C GLY A 420 -15.65 2.46 26.70
N GLY A 421 -16.25 2.55 25.53
CA GLY A 421 -15.65 2.03 24.31
C GLY A 421 -14.65 2.98 23.69
N VAL A 422 -14.31 2.68 22.44
CA VAL A 422 -13.29 3.43 21.70
C VAL A 422 -13.96 4.62 21.03
N PHE A 423 -14.36 5.60 21.85
CA PHE A 423 -15.22 6.68 21.35
C PHE A 423 -14.53 7.53 20.29
N ARG A 424 -13.19 7.60 20.30
CA ARG A 424 -12.50 8.39 19.29
C ARG A 424 -12.61 7.79 17.90
N ALA A 425 -13.04 6.53 17.76
CA ALA A 425 -13.26 5.96 16.45
C ALA A 425 -14.65 6.26 15.90
N GLN A 426 -15.53 6.88 16.68
CA GLN A 426 -16.86 7.20 16.20
C GLN A 426 -16.76 8.11 14.97
N VAL A 427 -17.56 7.79 13.96
CA VAL A 427 -17.54 8.49 12.67
C VAL A 427 -18.75 9.42 12.62
N PRO A 428 -18.56 10.73 12.55
CA PRO A 428 -19.71 11.65 12.58
C PRO A 428 -20.68 11.37 11.45
N GLY A 429 -21.95 11.17 11.82
CA GLY A 429 -23.01 10.91 10.86
C GLY A 429 -23.27 9.44 10.59
N TYR A 430 -22.40 8.54 11.03
CA TYR A 430 -22.50 7.14 10.68
C TYR A 430 -22.33 6.25 11.90
N HIS A 431 -22.87 5.04 11.80
CA HIS A 431 -22.53 3.96 12.71
C HIS A 431 -21.26 3.28 12.22
N ALA A 432 -20.29 3.10 13.10
CA ALA A 432 -19.04 2.46 12.74
C ALA A 432 -18.73 1.35 13.73
N ALA A 433 -17.81 0.46 13.34
CA ALA A 433 -17.46 -0.71 14.12
C ALA A 433 -15.98 -1.00 13.95
N GLY A 434 -15.34 -1.51 14.99
CA GLY A 434 -13.94 -1.87 14.87
C GLY A 434 -13.35 -2.26 16.21
N LYS A 435 -12.02 -2.36 16.20
CA LYS A 435 -11.27 -2.86 17.36
C LYS A 435 -9.90 -2.23 17.36
N SER A 436 -9.47 -1.74 18.52
CA SER A 436 -8.15 -1.18 18.68
C SER A 436 -7.14 -2.27 19.04
N GLY A 437 -5.89 -1.97 18.81
CA GLY A 437 -4.80 -2.83 19.26
C GLY A 437 -3.63 -1.98 19.68
N THR A 438 -2.87 -2.47 20.66
CA THR A 438 -1.63 -1.84 21.10
C THR A 438 -0.62 -2.96 21.33
N ALA A 439 0.45 -2.96 20.56
CA ALA A 439 1.45 -4.02 20.64
C ALA A 439 2.76 -3.45 21.14
N ARG A 440 3.31 -4.05 22.18
CA ARG A 440 4.64 -3.69 22.66
C ARG A 440 5.67 -4.42 21.79
N LYS A 441 6.57 -3.66 21.17
CA LYS A 441 7.61 -4.26 20.35
C LYS A 441 8.69 -4.85 21.25
N VAL A 442 9.20 -6.01 20.86
CA VAL A 442 10.10 -6.76 21.73
C VAL A 442 11.54 -6.68 21.26
N ASN A 452 10.64 0.93 26.16
CA ASN A 452 9.50 0.28 25.52
C ASN A 452 9.04 1.03 24.27
N ALA A 453 8.87 0.28 23.19
CA ALA A 453 8.36 0.81 21.93
C ALA A 453 7.04 0.13 21.60
N TYR A 454 6.15 0.85 20.92
CA TYR A 454 4.80 0.37 20.70
C TYR A 454 4.40 0.54 19.25
N ARG A 455 3.42 -0.26 18.82
CA ARG A 455 2.73 -0.06 17.56
C ARG A 455 1.25 0.11 17.87
N SER A 456 0.67 1.20 17.38
N SER A 456 0.65 1.18 17.35
CA SER A 456 -0.73 1.54 17.63
CA SER A 456 -0.73 1.55 17.66
C SER A 456 -1.58 1.13 16.45
C SER A 456 -1.63 1.20 16.48
N LEU A 457 -2.67 0.40 16.73
CA LEU A 457 -3.51 -0.14 15.68
C LEU A 457 -4.98 0.23 15.87
N PHE A 458 -5.67 0.43 14.76
CA PHE A 458 -7.13 0.35 14.77
C PHE A 458 -7.59 -0.22 13.45
N ALA A 459 -8.57 -1.12 13.52
CA ALA A 459 -9.13 -1.78 12.35
C ALA A 459 -10.64 -1.76 12.48
N GLY A 460 -11.33 -1.46 11.38
CA GLY A 460 -12.78 -1.36 11.49
C GLY A 460 -13.42 -1.21 10.13
N PHE A 461 -14.71 -0.90 10.15
CA PHE A 461 -15.50 -0.80 8.94
C PHE A 461 -16.73 0.07 9.19
N ALA A 462 -17.36 0.51 8.11
CA ALA A 462 -18.52 1.39 8.19
C ALA A 462 -19.21 1.42 6.82
N PRO A 463 -20.51 1.78 6.79
CA PRO A 463 -21.41 2.01 7.93
C PRO A 463 -21.85 0.68 8.50
N ALA A 464 -22.18 0.59 9.79
CA ALA A 464 -22.56 -0.69 10.36
C ALA A 464 -23.82 -1.25 9.72
N THR A 465 -24.78 -0.39 9.36
CA THR A 465 -26.05 -0.89 8.83
C THR A 465 -25.89 -1.61 7.49
N ASP A 466 -24.90 -1.20 6.70
CA ASP A 466 -24.63 -1.85 5.42
C ASP A 466 -23.19 -1.54 5.07
N PRO A 467 -22.23 -2.36 5.55
CA PRO A 467 -20.82 -2.00 5.44
C PRO A 467 -20.38 -1.82 3.99
N ARG A 468 -19.56 -0.79 3.78
CA ARG A 468 -19.00 -0.47 2.48
C ARG A 468 -17.48 -0.47 2.47
N ILE A 469 -16.86 0.03 3.53
CA ILE A 469 -15.42 0.31 3.59
C ILE A 469 -14.84 -0.35 4.82
N ALA A 470 -13.72 -1.06 4.66
CA ALA A 470 -12.90 -1.48 5.80
C ALA A 470 -11.59 -0.71 5.79
N MET A 471 -11.05 -0.46 6.98
CA MET A 471 -9.89 0.41 7.10
C MET A 471 -8.98 -0.08 8.23
N VAL A 472 -7.67 -0.01 8.00
CA VAL A 472 -6.68 -0.32 9.02
C VAL A 472 -5.73 0.86 9.16
N VAL A 473 -5.51 1.32 10.39
CA VAL A 473 -4.55 2.39 10.69
C VAL A 473 -3.45 1.80 11.55
N VAL A 474 -2.20 1.95 11.12
CA VAL A 474 -1.04 1.49 11.87
C VAL A 474 -0.13 2.68 12.12
N ILE A 475 0.16 2.95 13.39
CA ILE A 475 1.11 4.01 13.76
C ILE A 475 2.28 3.35 14.47
N ASP A 476 3.45 3.42 13.85
CA ASP A 476 4.65 2.75 14.34
C ASP A 476 5.44 3.68 15.26
N GLU A 477 5.56 3.30 16.53
CA GLU A 477 6.38 3.94 17.56
C GLU A 477 5.98 5.40 17.81
N PRO A 478 4.75 5.66 18.26
CA PRO A 478 4.44 7.00 18.76
C PRO A 478 5.30 7.30 19.97
N SER A 479 5.75 8.55 20.07
CA SER A 479 6.71 8.94 21.10
C SER A 479 6.14 9.92 22.12
N LYS A 480 4.87 10.30 22.01
CA LYS A 480 4.25 11.12 23.03
C LYS A 480 3.72 10.24 24.15
N ALA A 481 3.08 10.87 25.13
CA ALA A 481 2.59 10.13 26.28
C ALA A 481 1.58 9.05 25.89
N GLY A 482 0.82 9.29 24.81
CA GLY A 482 -0.21 8.35 24.39
C GLY A 482 0.32 7.36 23.37
N TYR A 483 -0.06 6.09 23.54
CA TYR A 483 0.40 5.06 22.62
C TYR A 483 -0.65 3.98 22.40
N PHE A 484 -1.71 3.97 23.20
CA PHE A 484 -2.76 2.99 23.00
C PHE A 484 -3.49 3.24 21.69
N GLY A 485 -3.86 2.15 21.02
CA GLY A 485 -4.46 2.26 19.70
C GLY A 485 -5.73 3.08 19.67
N GLY A 486 -6.52 3.03 20.75
CA GLY A 486 -7.75 3.79 20.81
C GLY A 486 -7.54 5.28 20.99
N LEU A 487 -6.34 5.69 21.42
CA LEU A 487 -5.99 7.10 21.48
C LEU A 487 -5.25 7.56 20.22
N VAL A 488 -4.35 6.74 19.68
CA VAL A 488 -3.45 7.19 18.64
C VAL A 488 -4.03 6.95 17.25
N SER A 489 -4.59 5.77 17.02
CA SER A 489 -5.03 5.37 15.69
C SER A 489 -6.53 5.53 15.45
N ALA A 490 -7.34 5.33 16.49
CA ALA A 490 -8.78 5.50 16.34
C ALA A 490 -9.19 6.86 15.77
N PRO A 491 -8.66 8.00 16.22
CA PRO A 491 -9.09 9.27 15.61
C PRO A 491 -8.74 9.40 14.14
N VAL A 492 -7.65 8.78 13.69
CA VAL A 492 -7.35 8.77 12.26
C VAL A 492 -8.42 8.01 11.48
N PHE A 493 -8.80 6.84 12.00
CA PHE A 493 -9.92 6.08 11.43
C PHE A 493 -11.17 6.94 11.33
N SER A 494 -11.51 7.68 12.40
CA SER A 494 -12.71 8.50 12.36
C SER A 494 -12.66 9.52 11.22
N LYS A 495 -11.56 10.28 11.14
N LYS A 495 -11.56 10.28 11.14
CA LYS A 495 -11.47 11.34 10.14
CA LYS A 495 -11.47 11.34 10.14
C LYS A 495 -11.45 10.78 8.73
C LYS A 495 -11.45 10.78 8.73
N VAL A 496 -10.67 9.73 8.49
CA VAL A 496 -10.54 9.20 7.14
C VAL A 496 -11.80 8.45 6.72
N MET A 497 -12.41 7.69 7.64
CA MET A 497 -13.66 7.03 7.32
C MET A 497 -14.77 8.05 7.06
N ALA A 498 -14.85 9.11 7.87
CA ALA A 498 -15.86 10.14 7.67
C ALA A 498 -15.75 10.76 6.29
N GLY A 499 -14.53 11.12 5.88
CA GLY A 499 -14.35 11.71 4.57
C GLY A 499 -14.55 10.73 3.44
N ALA A 500 -14.05 9.49 3.60
CA ALA A 500 -14.18 8.50 2.53
C ALA A 500 -15.65 8.18 2.27
N LEU A 501 -16.45 8.02 3.32
CA LEU A 501 -17.86 7.71 3.13
C LEU A 501 -18.58 8.85 2.42
N ARG A 502 -18.25 10.10 2.77
CA ARG A 502 -18.91 11.22 2.10
C ARG A 502 -18.45 11.35 0.65
N LEU A 503 -17.17 11.10 0.37
CA LEU A 503 -16.68 11.16 -1.00
C LEU A 503 -17.34 10.10 -1.88
N MET A 504 -17.69 8.96 -1.31
CA MET A 504 -18.37 7.90 -2.03
C MET A 504 -19.89 8.01 -1.94
N ASN A 505 -20.40 9.13 -1.42
CA ASN A 505 -21.84 9.43 -1.38
C ASN A 505 -22.62 8.37 -0.62
N VAL A 506 -22.03 7.81 0.43
CA VAL A 506 -22.74 6.83 1.25
C VAL A 506 -23.71 7.58 2.16
N PRO A 507 -24.99 7.24 2.15
CA PRO A 507 -25.95 7.94 3.02
C PRO A 507 -25.60 7.76 4.48
N PRO A 508 -25.55 8.84 5.25
CA PRO A 508 -25.38 8.70 6.70
C PRO A 508 -26.48 7.85 7.31
N ASP A 509 -26.11 7.01 8.27
CA ASP A 509 -27.04 6.06 8.86
C ASP A 509 -27.18 6.21 10.37
N ASN A 510 -26.58 7.24 10.97
CA ASN A 510 -26.70 7.46 12.41
C ASN A 510 -27.75 8.53 12.64
N LEU A 511 -29.01 8.10 12.61
CA LEU A 511 -30.15 8.98 12.71
C LEU A 511 -30.98 8.63 13.95
N PRO A 512 -31.57 9.62 14.59
CA PRO A 512 -32.29 9.35 15.85
C PRO A 512 -33.56 8.54 15.61
N THR A 513 -33.88 7.70 16.59
CA THR A 513 -35.21 7.10 16.64
C THR A 513 -36.24 8.16 17.01
N GLU A 514 -37.52 7.79 16.92
CA GLU A 514 -38.59 8.71 17.28
C GLU A 514 -38.41 9.24 18.70
N PHE A 515 -37.92 8.39 19.61
CA PHE A 515 -37.81 8.75 21.02
C PHE A 515 -36.52 9.48 21.36
N GLU A 516 -35.45 9.22 20.60
CA GLU A 516 -34.19 9.94 20.76
C GLU A 516 -34.22 11.33 20.12
N ALA A 517 -35.11 11.56 19.16
CA ALA A 517 -35.14 12.82 18.43
C ALA A 517 -35.43 14.01 19.33
S1 CAZ B . -3.67 -4.09 26.07
C2 CAZ B . -4.83 -2.89 26.61
C3 CAZ B . -5.58 -2.09 25.54
C3' CAZ B . -6.17 -0.95 25.81
C4 CAZ B . -5.61 -2.64 24.12
C4' CAZ B . -6.39 -1.64 22.66
O4A CAZ B . -5.48 -1.08 22.12
O4B CAZ B . -7.58 -1.84 22.65
N5 CAZ B . -5.09 -3.71 23.73
C6 CAZ B . -4.59 -4.77 24.63
C7 CAZ B . -3.82 -5.88 23.85
C8 CAZ B . -4.38 -5.90 22.41
O9 CAZ B . -3.76 -5.42 21.48
N10 CAZ B . -2.40 -5.66 23.71
C11 CAZ B . -1.54 -6.44 24.49
O12 CAZ B . -1.78 -7.29 25.30
C13 CAZ B . -0.10 -6.13 24.12
N16 CAZ B . 0.60 -5.25 24.79
O17 CAZ B . -0.02 -4.63 25.85
C18 CAZ B . 0.76 -3.54 26.34
C14 CAZ B . 0.43 -6.91 22.94
C15 CAZ B . -0.24 -7.71 22.08
S16 CAZ B . 0.85 -8.41 20.89
C17 CAZ B . 2.23 -7.55 21.67
N18 CAZ B . 3.53 -7.65 21.20
N19 CAZ B . 1.86 -6.81 22.72
C19 CAZ B . 0.97 -2.61 25.14
C20 CAZ B . 0.01 -2.75 27.43
C21 CAZ B . 2.11 -4.08 26.94
O2A CAZ B . 3.05 -3.27 27.04
O2B CAZ B . 2.11 -5.28 27.30
S SO4 C . -8.46 16.72 -2.55
O1 SO4 C . -9.15 15.46 -2.85
O2 SO4 C . -8.84 17.18 -1.22
O3 SO4 C . -7.01 16.51 -2.59
O4 SO4 C . -8.84 17.71 -3.57
S SO4 D . 2.53 -37.04 17.18
O1 SO4 D . 2.45 -38.00 18.29
O2 SO4 D . 1.73 -35.86 17.49
O3 SO4 D . 3.93 -36.66 16.96
O4 SO4 D . 2.01 -37.65 15.95
S SO4 E . -15.32 14.97 -6.77
O1 SO4 E . -15.80 14.02 -7.76
O2 SO4 E . -15.40 14.37 -5.44
O3 SO4 E . -13.94 15.33 -7.07
O4 SO4 E . -16.15 16.18 -6.80
S SO4 F . -5.98 -5.85 -16.12
O1 SO4 F . -6.30 -7.25 -16.29
O2 SO4 F . -6.62 -5.33 -14.92
O3 SO4 F . -4.52 -5.70 -16.01
O4 SO4 F . -6.45 -5.09 -17.28
S SO4 G . -12.73 -11.18 -15.56
O1 SO4 G . -12.94 -12.57 -15.17
O2 SO4 G . -13.72 -10.33 -14.90
O3 SO4 G . -11.39 -10.77 -15.18
O4 SO4 G . -12.89 -11.05 -17.01
#